data_3KFW
#
_entry.id   3KFW
#
_cell.length_a   85.383
_cell.length_b   85.383
_cell.length_c   80.425
_cell.angle_alpha   90.000
_cell.angle_beta   90.000
_cell.angle_gamma   90.000
#
_symmetry.space_group_name_H-M   'P 42 21 2'
#
_entity_poly.entity_id   1
_entity_poly.type   'polypeptide(L)'
_entity_poly.pdbx_seq_one_letter_code
;(MSE)SLTARSVVLSVLLGAHPAWATASELIQLTADFGIKETTLRVALTR(MSE)VGAGDLVRSADGYRLSDRLLARQRR
QDEA(MSE)RPRTRAWHGNWH(MSE)LIVTSIGTDARTRAALRTC(MSE)HHKRFGELREGVW(MSE)RPDNLDLDLESD
VAARVR(MSE)LTARDEAPADLAGQLWDLSGWTEAGHRLLGD(MSE)AAATD(MSE)PGRFVVAAA(MSE)VRHLLTDP
(MSE)LPAELLPADWPGAGLRAAYHDFATA(MSE)AKRRDATQLLEVTEGHHHHHH
;
_entity_poly.pdbx_strand_id   X
#
# COMPACT_ATOMS: atom_id res chain seq x y z
N SER A 2 -11.58 -4.01 -5.95
CA SER A 2 -12.87 -4.50 -5.32
C SER A 2 -13.84 -3.36 -5.08
N LEU A 3 -14.96 -3.39 -5.78
CA LEU A 3 -15.92 -2.31 -5.74
C LEU A 3 -17.01 -2.78 -4.79
N THR A 4 -16.64 -3.12 -3.54
CA THR A 4 -17.58 -3.72 -2.57
C THR A 4 -17.90 -2.66 -1.57
N ALA A 5 -19.10 -2.74 -0.99
CA ALA A 5 -19.63 -1.72 -0.08
C ALA A 5 -18.63 -1.16 0.95
N ARG A 6 -18.00 -2.05 1.72
CA ARG A 6 -17.02 -1.67 2.72
C ARG A 6 -15.83 -0.88 2.13
N SER A 7 -15.16 -1.45 1.14
CA SER A 7 -14.00 -0.80 0.59
C SER A 7 -14.34 0.50 -0.15
N VAL A 8 -15.55 0.62 -0.69
CA VAL A 8 -15.90 1.94 -1.20
C VAL A 8 -16.28 2.98 -0.17
N VAL A 9 -16.89 2.61 0.99
CA VAL A 9 -17.03 3.64 2.06
C VAL A 9 -15.67 3.99 2.62
N LEU A 10 -14.74 3.04 2.67
CA LEU A 10 -13.36 3.42 3.02
C LEU A 10 -12.80 4.53 2.10
N SER A 11 -12.85 4.33 0.79
CA SER A 11 -12.35 5.33 -0.15
C SER A 11 -13.10 6.64 -0.06
N VAL A 12 -14.40 6.60 0.15
CA VAL A 12 -15.18 7.82 0.23
C VAL A 12 -14.82 8.62 1.50
N LEU A 13 -14.42 7.92 2.56
CA LEU A 13 -14.00 8.58 3.78
C LEU A 13 -12.51 8.92 3.88
N LEU A 14 -11.72 8.48 2.94
CA LEU A 14 -10.30 8.83 2.91
C LEU A 14 -10.03 10.31 3.24
N GLY A 15 -9.33 10.51 4.37
CA GLY A 15 -8.90 11.82 4.84
C GLY A 15 -10.00 12.63 5.50
N ALA A 16 -11.19 12.05 5.69
CA ALA A 16 -12.32 12.77 6.37
C ALA A 16 -11.98 12.98 7.83
N HIS A 17 -11.62 11.88 8.51
CA HIS A 17 -11.34 11.87 9.94
C HIS A 17 -10.54 13.12 10.39
N PRO A 18 -10.98 13.83 11.43
CA PRO A 18 -12.03 13.56 12.43
C PRO A 18 -13.45 14.02 12.09
N ALA A 19 -13.65 14.63 10.93
CA ALA A 19 -15.02 15.02 10.54
C ALA A 19 -15.95 13.77 10.42
N TRP A 20 -17.27 13.96 10.51
CA TRP A 20 -18.26 12.85 10.56
C TRP A 20 -19.03 13.04 9.31
N ALA A 21 -19.54 11.92 8.79
CA ALA A 21 -20.27 11.90 7.55
C ALA A 21 -21.66 11.24 7.84
N THR A 22 -22.74 11.97 7.54
CA THR A 22 -24.09 11.46 7.77
C THR A 22 -24.41 10.39 6.76
N ALA A 23 -25.23 9.43 7.18
CA ALA A 23 -25.86 8.49 6.25
C ALA A 23 -26.27 9.12 4.92
N SER A 24 -27.05 10.19 4.98
CA SER A 24 -27.50 10.90 3.81
C SER A 24 -26.34 11.23 2.88
N GLU A 25 -25.24 11.71 3.45
CA GLU A 25 -24.09 12.17 2.67
C GLU A 25 -23.39 10.97 2.00
N LEU A 26 -23.22 9.89 2.76
CA LEU A 26 -22.70 8.65 2.24
C LEU A 26 -23.63 8.05 1.20
N ILE A 27 -24.94 8.13 1.40
CA ILE A 27 -25.88 7.68 0.34
C ILE A 27 -25.57 8.43 -0.96
N GLN A 28 -25.34 9.74 -0.86
CA GLN A 28 -25.03 10.56 -2.03
C GLN A 28 -23.69 10.25 -2.69
N LEU A 29 -22.65 10.10 -1.89
CA LEU A 29 -21.30 9.85 -2.43
C LEU A 29 -21.11 8.42 -2.90
N THR A 30 -21.98 7.55 -2.43
CA THR A 30 -21.81 6.12 -2.64
C THR A 30 -22.54 5.60 -3.90
N ALA A 31 -23.36 6.44 -4.52
CA ALA A 31 -24.34 6.05 -5.56
C ALA A 31 -23.81 6.06 -7.02
N ASP A 32 -22.85 6.93 -7.28
CA ASP A 32 -22.19 6.98 -8.58
C ASP A 32 -21.40 5.68 -8.74
N PHE A 33 -21.23 4.97 -7.61
CA PHE A 33 -20.58 3.68 -7.57
C PHE A 33 -21.62 2.59 -7.65
N GLY A 34 -22.87 2.99 -7.43
CA GLY A 34 -24.04 2.20 -7.80
C GLY A 34 -24.69 1.44 -6.66
N ILE A 35 -24.69 2.03 -5.47
CA ILE A 35 -25.34 1.35 -4.34
C ILE A 35 -26.29 2.23 -3.51
N LYS A 36 -27.58 2.07 -3.82
CA LYS A 36 -28.68 2.74 -3.12
C LYS A 36 -28.64 2.35 -1.65
N GLU A 37 -29.44 3.05 -0.86
CA GLU A 37 -29.52 2.85 0.57
C GLU A 37 -29.28 1.41 1.02
N THR A 38 -30.18 0.52 0.63
CA THR A 38 -30.17 -0.90 0.98
C THR A 38 -28.80 -1.45 1.38
N THR A 39 -27.95 -1.76 0.41
CA THR A 39 -26.69 -2.47 0.67
C THR A 39 -25.81 -1.69 1.64
N LEU A 40 -25.92 -0.36 1.56
CA LEU A 40 -25.09 0.56 2.29
C LEU A 40 -25.43 0.60 3.79
N ARG A 41 -26.70 0.86 4.10
CA ARG A 41 -27.11 0.95 5.50
C ARG A 41 -26.78 -0.37 6.18
N VAL A 42 -27.01 -1.48 5.49
CA VAL A 42 -26.58 -2.76 6.05
C VAL A 42 -25.06 -2.86 6.21
N ALA A 43 -24.32 -2.26 5.27
CA ALA A 43 -22.88 -2.24 5.38
C ALA A 43 -22.43 -1.36 6.57
N LEU A 44 -22.85 -0.09 6.61
CA LEU A 44 -22.47 0.80 7.71
C LEU A 44 -22.69 0.15 9.07
N THR A 45 -23.90 -0.38 9.28
CA THR A 45 -24.22 -1.12 10.49
C THR A 45 -23.27 -2.32 10.70
N ARG A 46 -23.04 -3.11 9.66
CA ARG A 46 -22.08 -4.21 9.80
C ARG A 46 -20.66 -3.72 10.22
N MSE A 47 -20.20 -2.62 9.62
CA MSE A 47 -18.85 -2.12 9.85
C MSE A 47 -18.62 -1.62 11.27
O MSE A 47 -17.59 -1.95 11.88
CB MSE A 47 -18.51 -1.04 8.86
CG MSE A 47 -18.10 -1.55 7.50
SE MSE A 47 -17.92 -0.07 6.21
CE MSE A 47 -19.70 0.00 5.51
N VAL A 48 -19.58 -0.80 11.74
CA VAL A 48 -19.69 -0.35 13.14
C VAL A 48 -19.68 -1.51 14.12
N GLY A 49 -20.35 -2.61 13.76
CA GLY A 49 -20.42 -3.79 14.61
C GLY A 49 -19.10 -4.54 14.64
N ALA A 50 -18.38 -4.50 13.53
CA ALA A 50 -17.12 -5.22 13.36
C ALA A 50 -15.89 -4.38 13.79
N GLY A 51 -16.16 -3.17 14.29
CA GLY A 51 -15.10 -2.27 14.76
C GLY A 51 -14.40 -1.41 13.71
N ASP A 52 -15.04 -1.21 12.56
CA ASP A 52 -14.39 -0.51 11.45
C ASP A 52 -14.77 0.97 11.38
N LEU A 53 -16.02 1.25 11.72
CA LEU A 53 -16.50 2.60 11.86
C LEU A 53 -17.02 2.79 13.25
N VAL A 54 -17.08 4.05 13.65
CA VAL A 54 -17.75 4.44 14.86
C VAL A 54 -18.94 5.33 14.42
N ARG A 55 -20.09 5.24 15.11
CA ARG A 55 -21.20 6.15 14.82
C ARG A 55 -21.57 7.12 15.95
N SER A 56 -22.16 8.24 15.59
CA SER A 56 -22.60 9.15 16.60
C SER A 56 -23.85 9.81 16.06
N ALA A 57 -24.43 10.72 16.82
CA ALA A 57 -25.51 11.57 16.34
C ALA A 57 -25.12 12.33 15.06
N ASP A 58 -23.84 12.66 14.90
CA ASP A 58 -23.44 13.37 13.64
C ASP A 58 -23.09 12.45 12.44
N GLY A 59 -23.08 11.13 12.69
CA GLY A 59 -23.08 10.14 11.62
C GLY A 59 -21.95 9.11 11.77
N TYR A 60 -21.01 9.12 10.82
CA TYR A 60 -19.99 8.09 10.74
C TYR A 60 -18.61 8.68 10.42
N ARG A 61 -17.58 8.09 11.00
CA ARG A 61 -16.21 8.40 10.69
C ARG A 61 -15.41 7.12 11.03
N LEU A 62 -14.19 7.01 10.50
CA LEU A 62 -13.37 5.81 10.71
C LEU A 62 -13.06 5.51 12.21
N SER A 63 -12.99 4.23 12.55
CA SER A 63 -12.40 3.73 13.79
C SER A 63 -10.95 4.09 13.98
N ASP A 64 -10.53 4.28 15.24
CA ASP A 64 -9.13 4.55 15.54
C ASP A 64 -8.15 3.46 15.04
N ARG A 65 -8.56 2.19 15.12
CA ARG A 65 -7.73 1.10 14.58
C ARG A 65 -7.75 0.94 13.04
N LEU A 66 -8.82 1.38 12.37
CA LEU A 66 -8.79 1.49 10.91
C LEU A 66 -7.95 2.66 10.44
N LEU A 67 -8.03 3.73 11.22
CA LEU A 67 -7.27 4.95 10.98
C LEU A 67 -5.74 4.74 11.08
N ALA A 68 -5.30 4.07 12.15
CA ALA A 68 -3.92 3.65 12.34
C ALA A 68 -3.46 2.64 11.29
N ARG A 69 -4.38 1.79 10.82
CA ARG A 69 -4.14 0.89 9.67
C ARG A 69 -3.96 1.67 8.36
N GLN A 70 -4.76 2.71 8.16
CA GLN A 70 -4.70 3.57 6.98
C GLN A 70 -3.37 4.31 7.02
N ARG A 71 -2.97 4.75 8.22
CA ARG A 71 -1.74 5.52 8.44
C ARG A 71 -0.46 4.71 8.16
N ARG A 72 -0.50 3.43 8.47
CA ARG A 72 0.66 2.56 8.30
C ARG A 72 0.85 2.14 6.84
N GLN A 73 -0.27 2.00 6.14
CA GLN A 73 -0.31 1.89 4.69
C GLN A 73 0.44 3.06 3.98
N ASP A 74 0.23 4.30 4.42
CA ASP A 74 0.85 5.49 3.79
C ASP A 74 2.32 5.73 4.11
N GLU A 75 2.77 5.36 5.31
CA GLU A 75 4.20 5.32 5.61
C GLU A 75 4.88 4.04 5.05
N ALA A 76 4.08 3.20 4.37
CA ALA A 76 4.59 2.03 3.65
C ALA A 76 4.74 2.37 2.16
N MSE A 77 3.88 3.27 1.69
CA MSE A 77 3.91 3.79 0.31
C MSE A 77 4.87 4.96 0.15
O MSE A 77 5.37 5.23 -0.93
CB MSE A 77 2.51 4.27 -0.09
CG MSE A 77 1.61 3.34 -0.92
SE MSE A 77 0.01 4.40 -1.44
CE MSE A 77 0.92 5.84 -2.50
N ARG A 78 5.10 5.69 1.24
CA ARG A 78 6.16 6.68 1.31
C ARG A 78 6.90 6.53 2.64
N PRO A 79 7.79 5.51 2.72
CA PRO A 79 8.55 5.22 3.93
C PRO A 79 9.82 6.00 3.91
N ARG A 80 10.02 6.86 4.90
CA ARG A 80 11.18 7.72 4.88
C ARG A 80 12.36 6.90 4.26
N THR A 81 12.89 7.46 3.18
CA THR A 81 14.12 7.02 2.55
C THR A 81 15.25 7.98 2.99
N ARG A 82 16.49 7.50 2.94
CA ARG A 82 17.70 8.32 3.17
C ARG A 82 18.61 8.30 1.93
N ALA A 83 19.23 9.45 1.61
CA ALA A 83 20.32 9.51 0.59
C ALA A 83 21.29 8.32 0.77
N TRP A 84 21.62 7.66 -0.32
CA TRP A 84 22.28 6.34 -0.21
C TRP A 84 23.79 6.35 -0.47
N HIS A 85 24.50 5.49 0.25
CA HIS A 85 25.95 5.49 0.21
C HIS A 85 26.57 4.15 -0.11
N GLY A 86 25.79 3.25 -0.71
CA GLY A 86 26.34 2.02 -1.33
C GLY A 86 26.20 0.76 -0.53
N ASN A 87 25.63 0.90 0.66
CA ASN A 87 25.52 -0.20 1.60
C ASN A 87 24.18 -0.92 1.49
N TRP A 88 24.23 -2.23 1.73
CA TRP A 88 23.07 -3.08 1.69
C TRP A 88 22.83 -3.72 3.07
N HIS A 89 21.58 -3.80 3.48
CA HIS A 89 21.20 -4.67 4.58
C HIS A 89 21.19 -6.09 4.09
N MSE A 90 21.71 -7.00 4.89
CA MSE A 90 21.75 -8.42 4.52
C MSE A 90 21.26 -9.32 5.61
O MSE A 90 21.74 -9.31 6.74
CB MSE A 90 23.15 -8.82 4.13
CG MSE A 90 23.18 -9.99 3.18
SE MSE A 90 25.00 -10.25 2.50
CE MSE A 90 25.24 -11.71 3.74
N LEU A 91 20.31 -10.15 5.29
CA LEU A 91 19.80 -11.05 6.26
C LEU A 91 19.99 -12.47 5.74
N ILE A 92 20.79 -13.25 6.47
CA ILE A 92 21.13 -14.64 6.20
C ILE A 92 20.30 -15.53 7.12
N VAL A 93 19.49 -16.42 6.58
CA VAL A 93 18.72 -17.26 7.48
C VAL A 93 19.59 -18.41 7.98
N THR A 94 19.66 -18.58 9.30
CA THR A 94 20.59 -19.54 9.90
C THR A 94 19.83 -20.63 10.61
N SER A 95 18.51 -20.58 10.46
CA SER A 95 17.60 -21.50 11.08
C SER A 95 16.50 -21.81 10.13
N ILE A 96 16.13 -23.08 10.05
CA ILE A 96 14.89 -23.50 9.40
C ILE A 96 13.72 -23.44 10.42
N GLY A 97 12.70 -22.65 10.09
CA GLY A 97 11.44 -22.55 10.87
C GLY A 97 10.80 -23.90 11.06
N THR A 98 10.28 -24.16 12.26
CA THR A 98 9.71 -25.47 12.63
C THR A 98 8.54 -25.97 11.80
N ASP A 99 7.74 -25.07 11.21
CA ASP A 99 6.57 -25.53 10.44
C ASP A 99 6.24 -24.65 9.23
N ALA A 100 5.30 -25.11 8.40
CA ALA A 100 4.90 -24.44 7.18
C ALA A 100 4.40 -23.02 7.34
N ARG A 101 3.56 -22.76 8.33
CA ARG A 101 3.05 -21.41 8.60
C ARG A 101 4.21 -20.48 8.91
N THR A 102 5.12 -20.95 9.76
CA THR A 102 6.43 -20.32 10.06
C THR A 102 7.37 -20.07 8.88
N ARG A 103 7.64 -21.06 8.04
CA ARG A 103 8.50 -20.74 6.84
C ARG A 103 7.77 -19.80 5.92
N ALA A 104 6.46 -19.98 5.72
CA ALA A 104 5.67 -19.01 4.90
C ALA A 104 5.64 -17.62 5.47
N ALA A 105 5.59 -17.48 6.80
CA ALA A 105 5.56 -16.14 7.42
C ALA A 105 6.91 -15.48 7.27
N LEU A 106 8.00 -16.23 7.33
CA LEU A 106 9.29 -15.60 7.01
C LEU A 106 9.32 -15.00 5.60
N ARG A 107 8.85 -15.70 4.55
CA ARG A 107 8.86 -15.12 3.17
C ARG A 107 7.98 -13.87 3.21
N THR A 108 6.76 -14.01 3.68
CA THR A 108 5.86 -12.89 3.79
C THR A 108 6.47 -11.72 4.54
N CYS A 109 7.29 -12.00 5.54
CA CYS A 109 7.98 -10.95 6.29
C CYS A 109 9.12 -10.29 5.48
N MSE A 110 9.95 -11.09 4.81
CA MSE A 110 10.95 -10.51 3.90
C MSE A 110 10.32 -9.64 2.80
O MSE A 110 10.78 -8.54 2.55
CB MSE A 110 11.82 -11.59 3.30
CG MSE A 110 12.60 -12.37 4.34
SE MSE A 110 13.85 -11.23 5.31
CE MSE A 110 15.14 -12.58 5.84
N HIS A 111 9.21 -10.09 2.20
CA HIS A 111 8.53 -9.29 1.15
C HIS A 111 8.00 -7.97 1.66
N HIS A 112 7.34 -8.00 2.82
CA HIS A 112 6.80 -6.82 3.49
C HIS A 112 7.84 -5.74 3.82
N LYS A 113 9.03 -6.15 4.23
CA LYS A 113 10.11 -5.20 4.50
C LYS A 113 10.95 -4.93 3.24
N ARG A 114 10.50 -5.46 2.09
CA ARG A 114 11.02 -5.15 0.76
C ARG A 114 12.47 -5.58 0.59
N PHE A 115 12.76 -6.78 1.08
CA PHE A 115 13.99 -7.51 0.79
C PHE A 115 13.78 -8.39 -0.44
N GLY A 116 14.82 -8.55 -1.24
CA GLY A 116 14.80 -9.50 -2.37
C GLY A 116 15.67 -10.71 -2.05
N GLU A 117 15.27 -11.83 -2.58
CA GLU A 117 15.98 -13.04 -2.35
C GLU A 117 17.09 -13.23 -3.41
N LEU A 118 18.36 -13.06 -2.99
CA LEU A 118 19.48 -13.31 -3.89
C LEU A 118 19.54 -14.77 -4.25
N ARG A 119 19.02 -15.62 -3.37
CA ARG A 119 19.20 -17.09 -3.50
C ARG A 119 18.72 -17.67 -2.22
N GLU A 120 18.56 -18.98 -2.17
CA GLU A 120 18.01 -19.62 -0.94
C GLU A 120 18.74 -19.12 0.34
N GLY A 121 17.99 -18.39 1.18
CA GLY A 121 18.43 -18.00 2.53
C GLY A 121 19.24 -16.70 2.63
N VAL A 122 19.40 -15.99 1.51
CA VAL A 122 20.11 -14.74 1.46
C VAL A 122 19.18 -13.63 0.93
N TRP A 123 18.77 -12.72 1.80
CA TRP A 123 17.89 -11.64 1.45
C TRP A 123 18.65 -10.34 1.62
N MSE A 124 18.44 -9.37 0.73
CA MSE A 124 19.20 -8.09 0.78
C MSE A 124 18.34 -6.98 0.32
O MSE A 124 17.34 -7.20 -0.33
CB MSE A 124 20.36 -8.07 -0.20
CG MSE A 124 21.40 -9.03 0.07
SE MSE A 124 22.68 -9.17 -1.39
CE MSE A 124 23.69 -7.55 -1.00
N ARG A 125 18.78 -5.77 0.65
CA ARG A 125 18.19 -4.56 0.10
C ARG A 125 19.12 -3.42 0.45
N PRO A 126 19.01 -2.28 -0.26
CA PRO A 126 19.85 -1.13 0.11
C PRO A 126 19.49 -0.64 1.52
N ASP A 127 20.40 -0.01 2.26
CA ASP A 127 20.04 0.37 3.62
C ASP A 127 19.33 1.73 3.71
N ASN A 128 18.74 2.18 2.59
CA ASN A 128 18.00 3.45 2.53
C ASN A 128 16.65 3.44 3.30
N LEU A 129 16.05 2.26 3.47
CA LEU A 129 15.00 2.02 4.48
C LEU A 129 15.65 1.63 5.81
N ASP A 130 15.07 2.14 6.91
CA ASP A 130 15.45 1.85 8.32
C ASP A 130 14.99 0.46 8.81
N LEU A 131 15.71 -0.59 8.45
CA LEU A 131 15.40 -1.95 8.94
C LEU A 131 15.23 -2.02 10.46
N ASP A 132 14.06 -2.43 10.90
CA ASP A 132 13.96 -2.85 12.27
C ASP A 132 13.55 -4.31 12.21
N LEU A 133 14.32 -5.16 12.87
CA LEU A 133 13.99 -6.58 12.91
C LEU A 133 12.79 -6.86 13.81
N GLU A 134 11.76 -7.53 13.27
CA GLU A 134 10.45 -7.65 13.94
C GLU A 134 10.42 -8.54 15.20
N SER A 135 11.28 -8.22 16.16
CA SER A 135 11.37 -8.90 17.46
C SER A 135 11.91 -10.34 17.32
N ASP A 136 11.18 -11.28 17.93
CA ASP A 136 11.44 -12.72 17.85
C ASP A 136 11.26 -13.22 16.42
N VAL A 137 10.01 -13.51 16.00
CA VAL A 137 9.74 -14.12 14.68
C VAL A 137 10.95 -14.07 13.71
N ALA A 138 11.46 -12.88 13.35
CA ALA A 138 12.73 -12.79 12.57
C ALA A 138 14.03 -12.71 13.39
N ALA A 139 14.02 -13.22 14.62
CA ALA A 139 15.26 -13.29 15.43
C ALA A 139 16.37 -14.11 14.74
N ARG A 140 15.95 -15.21 14.09
CA ARG A 140 16.80 -16.32 13.59
C ARG A 140 17.39 -16.06 12.18
N VAL A 141 18.14 -14.98 12.07
CA VAL A 141 18.87 -14.59 10.88
C VAL A 141 20.17 -13.95 11.34
N ARG A 142 21.21 -13.93 10.52
CA ARG A 142 22.38 -13.13 10.90
C ARG A 142 22.36 -11.86 10.07
N MSE A 143 22.52 -10.71 10.72
CA MSE A 143 22.37 -9.42 10.07
C MSE A 143 23.78 -8.96 9.74
O MSE A 143 24.65 -8.93 10.59
CB MSE A 143 21.68 -8.42 11.01
CG MSE A 143 20.94 -7.20 10.35
SE MSE A 143 21.98 -5.63 9.64
CE MSE A 143 23.00 -5.06 11.25
N LEU A 144 24.01 -8.66 8.46
CA LEU A 144 25.27 -8.06 8.04
C LEU A 144 24.98 -6.83 7.22
N THR A 145 25.99 -6.01 7.02
CA THR A 145 25.94 -4.91 6.04
C THR A 145 26.88 -5.35 4.92
N ALA A 146 26.53 -5.07 3.68
CA ALA A 146 27.43 -5.43 2.59
C ALA A 146 27.48 -4.41 1.49
N ARG A 147 28.51 -4.53 0.66
CA ARG A 147 28.51 -3.79 -0.59
C ARG A 147 28.91 -4.57 -1.86
N ASP A 148 28.27 -4.19 -2.96
CA ASP A 148 28.50 -4.81 -4.25
C ASP A 148 29.19 -3.85 -5.23
N GLU A 149 29.94 -4.37 -6.18
CA GLU A 149 30.62 -3.48 -7.14
C GLU A 149 29.75 -3.08 -8.35
N ALA A 150 28.70 -3.84 -8.61
CA ALA A 150 27.69 -3.55 -9.64
C ALA A 150 26.34 -3.58 -8.92
N PRO A 151 26.05 -2.53 -8.14
CA PRO A 151 24.83 -2.55 -7.37
C PRO A 151 23.54 -2.43 -8.22
N ALA A 152 23.58 -1.85 -9.41
CA ALA A 152 22.40 -1.77 -10.27
C ALA A 152 22.15 -3.15 -10.84
N ASP A 153 23.23 -3.89 -10.97
CA ASP A 153 23.11 -5.20 -11.50
C ASP A 153 22.53 -6.10 -10.42
N LEU A 154 23.14 -6.09 -9.22
CA LEU A 154 22.53 -6.77 -8.06
C LEU A 154 21.01 -6.46 -7.94
N ALA A 155 20.65 -5.18 -7.83
CA ALA A 155 19.22 -4.80 -7.80
C ALA A 155 18.41 -5.51 -8.87
N GLY A 156 18.91 -5.56 -10.10
CA GLY A 156 18.22 -6.24 -11.21
C GLY A 156 18.11 -7.76 -11.06
N GLN A 157 18.92 -8.29 -10.15
CA GLN A 157 19.01 -9.74 -9.88
C GLN A 157 18.09 -10.15 -8.68
N LEU A 158 17.97 -9.29 -7.66
CA LEU A 158 17.06 -9.44 -6.56
C LEU A 158 15.59 -9.22 -6.94
N TRP A 159 15.29 -8.22 -7.77
CA TRP A 159 13.89 -8.00 -8.21
C TRP A 159 13.75 -8.03 -9.75
N ASP A 160 12.56 -8.39 -10.21
CA ASP A 160 12.21 -8.34 -11.61
C ASP A 160 11.92 -6.88 -11.92
N LEU A 161 12.93 -6.09 -12.21
CA LEU A 161 12.72 -4.68 -12.41
C LEU A 161 12.01 -4.32 -13.69
N SER A 162 12.38 -4.96 -14.81
CA SER A 162 11.69 -4.65 -16.08
C SER A 162 10.21 -5.08 -16.00
N GLY A 163 9.90 -6.19 -15.32
CA GLY A 163 8.51 -6.67 -15.20
C GLY A 163 7.65 -5.78 -14.32
N TRP A 164 8.28 -5.13 -13.35
CA TRP A 164 7.53 -4.31 -12.42
C TRP A 164 7.24 -2.95 -13.06
N THR A 165 8.21 -2.49 -13.84
CA THR A 165 8.15 -1.35 -14.75
C THR A 165 7.06 -1.55 -15.80
N GLU A 166 7.11 -2.67 -16.55
CA GLU A 166 6.05 -2.99 -17.52
C GLU A 166 4.64 -3.02 -16.90
N ALA A 167 4.51 -3.59 -15.70
CA ALA A 167 3.20 -3.69 -15.02
C ALA A 167 2.73 -2.36 -14.57
N GLY A 168 3.67 -1.47 -14.24
CA GLY A 168 3.32 -0.14 -13.74
C GLY A 168 2.76 0.75 -14.84
N HIS A 169 3.50 0.84 -15.95
CA HIS A 169 3.03 1.49 -17.17
C HIS A 169 1.68 0.95 -17.61
N ARG A 170 1.45 -0.36 -17.56
CA ARG A 170 0.12 -0.86 -17.97
C ARG A 170 -1.02 -0.27 -17.08
N LEU A 171 -0.77 -0.14 -15.77
CA LEU A 171 -1.69 0.51 -14.83
C LEU A 171 -1.91 2.01 -15.07
N LEU A 172 -0.85 2.74 -15.48
CA LEU A 172 -0.97 4.14 -15.93
C LEU A 172 -1.90 4.25 -17.15
N GLY A 173 -1.64 3.45 -18.20
CA GLY A 173 -2.57 3.25 -19.35
C GLY A 173 -4.01 2.88 -18.96
N ASP A 174 -4.18 2.01 -17.95
CA ASP A 174 -5.50 1.63 -17.45
C ASP A 174 -6.27 2.83 -16.85
N MSE A 175 -5.58 3.63 -16.01
CA MSE A 175 -6.12 4.90 -15.51
C MSE A 175 -6.47 5.89 -16.63
O MSE A 175 -7.62 6.32 -16.75
CB MSE A 175 -5.16 5.54 -14.50
CG MSE A 175 -5.76 6.74 -13.65
SE MSE A 175 -7.26 6.14 -12.53
CE MSE A 175 -6.38 5.96 -10.78
N ALA A 176 -5.50 6.20 -17.50
CA ALA A 176 -5.79 7.09 -18.66
C ALA A 176 -7.08 6.63 -19.37
N ALA A 177 -7.24 5.31 -19.55
CA ALA A 177 -8.40 4.74 -20.22
C ALA A 177 -9.65 4.60 -19.34
N ALA A 178 -9.53 4.75 -18.02
CA ALA A 178 -10.71 4.53 -17.19
C ALA A 178 -11.72 5.63 -17.47
N THR A 179 -12.98 5.24 -17.36
CA THR A 179 -14.09 5.90 -18.00
C THR A 179 -15.08 6.53 -17.00
N ASP A 180 -15.13 5.96 -15.79
CA ASP A 180 -15.95 6.51 -14.74
C ASP A 180 -15.25 6.32 -13.41
N MSE A 181 -15.86 6.86 -12.35
CA MSE A 181 -15.31 6.79 -10.98
C MSE A 181 -15.14 5.33 -10.54
O MSE A 181 -14.07 4.97 -10.04
CB MSE A 181 -16.15 7.62 -9.98
CG MSE A 181 -15.32 8.30 -8.86
SE MSE A 181 -13.92 9.65 -9.47
CE MSE A 181 -15.15 11.03 -10.19
N PRO A 182 -16.16 4.48 -10.77
CA PRO A 182 -16.00 3.04 -10.51
C PRO A 182 -14.77 2.39 -11.20
N GLY A 183 -14.55 2.68 -12.50
CA GLY A 183 -13.30 2.31 -13.21
C GLY A 183 -12.00 2.88 -12.62
N ARG A 184 -11.98 4.17 -12.33
CA ARG A 184 -10.81 4.81 -11.64
C ARG A 184 -10.56 4.17 -10.27
N PHE A 185 -11.62 3.89 -9.54
CA PHE A 185 -11.49 3.27 -8.25
C PHE A 185 -10.75 1.92 -8.38
N VAL A 186 -11.23 1.03 -9.24
CA VAL A 186 -10.60 -0.28 -9.42
C VAL A 186 -9.13 -0.18 -9.83
N VAL A 187 -8.83 0.75 -10.73
CA VAL A 187 -7.44 0.97 -11.10
C VAL A 187 -6.56 1.50 -9.94
N ALA A 188 -7.05 2.44 -9.17
CA ALA A 188 -6.36 2.87 -7.95
C ALA A 188 -6.04 1.75 -6.95
N ALA A 189 -7.02 0.91 -6.61
CA ALA A 189 -6.75 -0.27 -5.77
C ALA A 189 -5.67 -1.17 -6.43
N ALA A 190 -5.64 -1.28 -7.75
CA ALA A 190 -4.54 -2.06 -8.37
C ALA A 190 -3.18 -1.40 -8.12
N MSE A 191 -3.16 -0.07 -8.18
CA MSE A 191 -1.93 0.70 -8.06
C MSE A 191 -1.39 0.66 -6.66
O MSE A 191 -0.17 0.65 -6.46
CB MSE A 191 -2.15 2.17 -8.43
CG MSE A 191 -2.07 2.44 -9.92
SE MSE A 191 -2.55 4.32 -10.30
CE MSE A 191 -2.06 4.14 -12.16
N VAL A 192 -2.30 0.68 -5.69
CA VAL A 192 -1.92 0.56 -4.31
C VAL A 192 -1.29 -0.80 -4.14
N ARG A 193 -1.92 -1.85 -4.66
CA ARG A 193 -1.36 -3.23 -4.55
C ARG A 193 0.00 -3.33 -5.27
N HIS A 194 0.16 -2.57 -6.33
CA HIS A 194 1.42 -2.58 -7.00
C HIS A 194 2.53 -1.83 -6.23
N LEU A 195 2.21 -0.68 -5.67
CA LEU A 195 3.20 0.03 -4.85
C LEU A 195 3.69 -0.76 -3.62
N LEU A 196 2.80 -1.59 -3.06
CA LEU A 196 3.08 -2.36 -1.86
C LEU A 196 4.30 -3.21 -2.06
N THR A 197 4.54 -3.59 -3.34
CA THR A 197 5.67 -4.41 -3.73
C THR A 197 6.84 -3.59 -4.24
N ASP A 198 6.74 -2.24 -4.18
CA ASP A 198 7.78 -1.38 -4.70
C ASP A 198 9.10 -1.66 -3.98
N PRO A 199 10.19 -1.92 -4.75
CA PRO A 199 11.42 -2.18 -4.04
C PRO A 199 12.06 -0.93 -3.44
N MSE A 200 11.50 0.26 -3.70
CA MSE A 200 11.88 1.47 -2.98
C MSE A 200 13.34 1.74 -3.13
O MSE A 200 14.02 1.96 -2.12
CB MSE A 200 11.62 1.26 -1.50
CG MSE A 200 11.02 2.38 -0.84
SE MSE A 200 9.31 2.53 -1.70
CE MSE A 200 8.22 1.46 -0.51
N LEU A 201 13.82 1.69 -4.37
CA LEU A 201 15.24 1.74 -4.64
C LEU A 201 15.75 3.17 -4.52
N PRO A 202 16.99 3.35 -4.09
CA PRO A 202 17.52 4.72 -4.09
C PRO A 202 17.76 5.24 -5.52
N ALA A 203 17.59 6.56 -5.71
CA ALA A 203 17.94 7.30 -6.94
C ALA A 203 18.93 6.63 -7.91
N GLU A 204 20.15 6.37 -7.47
CA GLU A 204 21.24 5.85 -8.32
C GLU A 204 20.94 4.52 -8.98
N LEU A 205 19.94 3.79 -8.47
CA LEU A 205 19.73 2.44 -8.96
C LEU A 205 18.48 2.35 -9.77
N LEU A 206 17.66 3.41 -9.70
CA LEU A 206 16.39 3.49 -10.43
C LEU A 206 16.71 3.63 -11.92
N PRO A 207 16.16 2.74 -12.78
CA PRO A 207 16.19 2.94 -14.23
C PRO A 207 15.26 4.13 -14.60
N ALA A 208 15.56 4.83 -15.69
CA ALA A 208 14.85 6.07 -16.03
C ALA A 208 13.40 5.88 -16.52
N ASP A 209 13.06 4.65 -16.94
CA ASP A 209 11.67 4.32 -17.23
C ASP A 209 10.94 3.76 -15.99
N TRP A 210 11.47 3.98 -14.79
CA TRP A 210 10.80 3.55 -13.57
C TRP A 210 9.45 4.32 -13.34
N PRO A 211 8.31 3.60 -13.26
CA PRO A 211 6.96 4.22 -13.10
C PRO A 211 6.51 4.59 -11.64
N GLY A 212 7.40 4.53 -10.66
CA GLY A 212 7.04 4.78 -9.24
C GLY A 212 6.35 6.11 -8.96
N ALA A 213 7.00 7.19 -9.38
CA ALA A 213 6.50 8.56 -9.19
C ALA A 213 5.17 8.81 -9.93
N GLY A 214 5.10 8.29 -11.17
CA GLY A 214 3.88 8.31 -11.98
C GLY A 214 2.76 7.61 -11.23
N LEU A 215 3.06 6.45 -10.63
CA LEU A 215 2.02 5.66 -9.94
C LEU A 215 1.54 6.36 -8.64
N ARG A 216 2.45 6.90 -7.84
CA ARG A 216 2.10 7.74 -6.69
C ARG A 216 1.26 8.99 -7.03
N ALA A 217 1.65 9.76 -8.06
CA ALA A 217 0.87 10.94 -8.52
C ALA A 217 -0.58 10.59 -8.93
N ALA A 218 -0.74 9.47 -9.63
CA ALA A 218 -2.04 9.03 -10.11
C ALA A 218 -2.89 8.58 -8.93
N TYR A 219 -2.26 7.91 -7.95
CA TYR A 219 -3.01 7.54 -6.76
C TYR A 219 -3.38 8.77 -5.98
N HIS A 220 -2.44 9.69 -5.79
CA HIS A 220 -2.74 10.90 -5.00
CA HIS A 220 -2.68 10.95 -5.03
C HIS A 220 -3.74 11.80 -5.72
N ASP A 221 -3.77 11.76 -7.06
CA ASP A 221 -4.83 12.46 -7.84
C ASP A 221 -6.23 11.88 -7.62
N PHE A 222 -6.30 10.56 -7.60
CA PHE A 222 -7.54 9.90 -7.31
C PHE A 222 -7.98 10.16 -5.85
N ALA A 223 -7.09 10.04 -4.86
CA ALA A 223 -7.42 10.42 -3.46
C ALA A 223 -7.93 11.87 -3.33
N THR A 224 -7.33 12.79 -4.08
CA THR A 224 -7.74 14.18 -4.11
C THR A 224 -9.14 14.36 -4.70
N ALA A 225 -9.41 13.75 -5.85
CA ALA A 225 -10.77 13.80 -6.46
C ALA A 225 -11.83 13.23 -5.52
N MSE A 226 -11.45 12.18 -4.80
CA MSE A 226 -12.29 11.53 -3.79
C MSE A 226 -12.65 12.49 -2.65
O MSE A 226 -13.83 12.64 -2.31
CB MSE A 226 -11.56 10.28 -3.25
CG MSE A 226 -12.33 8.95 -3.25
SE MSE A 226 -13.43 8.53 -4.86
CE MSE A 226 -15.15 8.89 -4.06
N ALA A 227 -11.64 13.14 -2.07
CA ALA A 227 -11.82 14.09 -0.99
C ALA A 227 -12.59 15.33 -1.42
N LYS A 228 -12.40 15.74 -2.67
CA LYS A 228 -13.11 16.91 -3.21
C LYS A 228 -14.65 16.68 -3.38
N ARG A 229 -15.04 15.46 -3.81
CA ARG A 229 -16.45 15.05 -3.93
C ARG A 229 -17.20 15.15 -2.61
N ARG A 230 -16.46 14.92 -1.52
CA ARG A 230 -17.01 14.88 -0.18
C ARG A 230 -17.10 16.27 0.44
N ASP A 231 -16.43 17.25 -0.14
CA ASP A 231 -16.63 18.65 0.27
C ASP A 231 -17.76 19.26 -0.53
N ALA A 232 -17.85 18.87 -1.80
CA ALA A 232 -18.95 19.29 -2.68
C ALA A 232 -20.33 18.99 -2.04
N THR A 233 -20.50 17.73 -1.63
CA THR A 233 -21.71 17.26 -0.93
C THR A 233 -21.89 17.85 0.48
N GLN A 234 -20.81 17.89 1.27
CA GLN A 234 -20.84 18.43 2.64
C GLN A 234 -21.31 19.88 2.59
N LEU A 235 -20.52 20.76 1.97
CA LEU A 235 -20.83 22.20 1.84
C LEU A 235 -21.97 22.50 0.86
#